data_8C2Y
#
_entry.id   8C2Y
#
_cell.length_a   82.310
_cell.length_b   112.512
_cell.length_c   62.581
_cell.angle_alpha   90.00
_cell.angle_beta   90.00
_cell.angle_gamma   90.00
#
_symmetry.space_group_name_H-M   'C 2 2 21'
#
loop_
_entity.id
_entity.type
_entity.pdbx_description
1 polymer '14-3-3 protein sigma'
2 polymer 'Pyrin pS242 peptide'
3 water water
#
loop_
_entity_poly.entity_id
_entity_poly.type
_entity_poly.pdbx_seq_one_letter_code
_entity_poly.pdbx_strand_id
1 'polypeptide(L)'
;GAMGSMERASLIQKAKLAEQAERYEDMAAFMKGAVEKGEELS(CSO)EERNLLSVAYKNVVGGQRAAWRVLSSIEQKSNE
EGSEEKGPEVREYREKVETELQGVCDTVLGLLDSHLIKEAGDAESRVFYLKMKGDYYRYLAEVATGDDKKRIIDSARSAY
QEAMDISKKEMPPTNPIRLGLALNFSVFHYEIANSPEEAISLAKTTFDEAMADLHTLSEDSYKDSTLIMQLLRDNLTLWT
;
A
2 'polypeptide(L)' KMRPR(SEP)LEVTIS P
#
# COMPACT_ATOMS: atom_id res chain seq x y z
N GLY A 1 4.23 -15.23 -18.72
CA GLY A 1 4.07 -14.05 -19.62
C GLY A 1 5.37 -13.66 -20.26
N ALA A 2 5.55 -12.37 -20.56
CA ALA A 2 6.65 -11.86 -21.39
C ALA A 2 8.00 -12.06 -20.69
N MET A 3 8.04 -12.21 -19.37
CA MET A 3 9.32 -12.47 -18.66
C MET A 3 9.55 -13.96 -18.41
N GLY A 4 8.74 -14.86 -18.96
CA GLY A 4 8.85 -16.28 -18.73
C GLY A 4 10.19 -16.85 -19.14
N SER A 5 10.88 -16.25 -20.15
CA SER A 5 12.16 -16.79 -20.62
C SER A 5 13.34 -16.26 -19.86
N MET A 6 13.18 -15.29 -18.94
CA MET A 6 14.29 -14.74 -18.19
C MET A 6 14.47 -15.43 -16.87
N GLU A 7 15.72 -15.68 -16.52
CA GLU A 7 16.07 -16.25 -15.20
C GLU A 7 15.54 -15.40 -14.07
N ARG A 8 15.09 -16.04 -13.00
CA ARG A 8 14.63 -15.32 -11.78
C ARG A 8 15.74 -14.40 -11.31
N ALA A 9 17.00 -14.83 -11.23
CA ALA A 9 18.06 -13.97 -10.67
C ALA A 9 18.26 -12.77 -11.58
N SER A 10 18.13 -12.95 -12.88
CA SER A 10 18.31 -11.84 -13.84
C SER A 10 17.18 -10.85 -13.69
N LEU A 11 15.96 -11.30 -13.46
CA LEU A 11 14.81 -10.40 -13.24
C LEU A 11 15.06 -9.58 -11.99
N ILE A 12 15.54 -10.15 -10.91
CA ILE A 12 15.79 -9.40 -9.67
C ILE A 12 16.92 -8.38 -9.91
N GLN A 13 17.99 -8.80 -10.60
CA GLN A 13 19.12 -7.91 -10.90
C GLN A 13 18.59 -6.74 -11.74
N LYS A 14 17.76 -7.00 -12.74
CA LYS A 14 17.25 -5.91 -13.59
C LYS A 14 16.25 -5.05 -12.86
N ALA A 15 15.47 -5.59 -11.93
CA ALA A 15 14.61 -4.74 -11.10
C ALA A 15 15.46 -3.72 -10.33
N LYS A 16 16.60 -4.13 -9.82
CA LYS A 16 17.49 -3.22 -9.06
C LYS A 16 18.02 -2.17 -10.01
N LEU A 17 18.43 -2.56 -11.20
CA LEU A 17 18.93 -1.57 -12.19
C LEU A 17 17.82 -0.57 -12.55
N ALA A 18 16.62 -1.05 -12.77
CA ALA A 18 15.48 -0.20 -13.14
C ALA A 18 15.23 0.78 -12.01
N GLU A 19 15.31 0.37 -10.76
CA GLU A 19 15.14 1.29 -9.60
C GLU A 19 16.19 2.39 -9.72
N GLN A 20 17.44 2.04 -9.95
CA GLN A 20 18.53 3.07 -10.00
C GLN A 20 18.23 4.03 -11.13
N ALA A 21 17.67 3.59 -12.24
CA ALA A 21 17.37 4.36 -13.48
C ALA A 21 16.02 5.10 -13.36
N GLU A 22 15.33 4.90 -12.24
CA GLU A 22 13.97 5.46 -12.03
C GLU A 22 13.02 5.03 -13.14
N ARG A 23 13.13 3.76 -13.56
CA ARG A 23 12.28 3.15 -14.58
C ARG A 23 11.31 2.21 -13.88
N TYR A 24 10.32 2.74 -13.24
CA TYR A 24 9.49 1.95 -12.31
C TYR A 24 8.50 1.05 -13.02
N GLU A 25 8.03 1.39 -14.22
CA GLU A 25 7.21 0.46 -15.02
C GLU A 25 8.06 -0.77 -15.36
N ASP A 26 9.28 -0.60 -15.82
CA ASP A 26 10.17 -1.74 -16.06
C ASP A 26 10.39 -2.50 -14.76
N MET A 27 10.64 -1.82 -13.66
CA MET A 27 10.90 -2.47 -12.36
C MET A 27 9.70 -3.35 -12.00
N ALA A 28 8.48 -2.87 -12.18
CA ALA A 28 7.29 -3.63 -11.85
C ALA A 28 7.16 -4.81 -12.79
N ALA A 29 7.44 -4.68 -14.09
CA ALA A 29 7.35 -5.84 -15.00
C ALA A 29 8.37 -6.89 -14.59
N PHE A 30 9.59 -6.52 -14.22
CA PHE A 30 10.60 -7.48 -13.78
C PHE A 30 10.15 -8.18 -12.50
N MET A 31 9.60 -7.44 -11.55
CA MET A 31 9.19 -8.08 -10.30
C MET A 31 7.96 -8.95 -10.51
N LYS A 32 7.03 -8.57 -11.36
CA LYS A 32 5.92 -9.46 -11.70
C LYS A 32 6.49 -10.77 -12.28
N GLY A 33 7.44 -10.69 -13.21
CA GLY A 33 8.08 -11.86 -13.77
C GLY A 33 8.69 -12.70 -12.69
N ALA A 34 9.35 -12.11 -11.70
CA ALA A 34 9.97 -12.85 -10.61
C ALA A 34 8.89 -13.54 -9.78
N VAL A 35 7.80 -12.88 -9.42
CA VAL A 35 6.72 -13.52 -8.66
C VAL A 35 6.18 -14.70 -9.45
N GLU A 36 6.03 -14.55 -10.75
CA GLU A 36 5.43 -15.61 -11.58
C GLU A 36 6.35 -16.80 -11.72
N LYS A 37 7.58 -16.79 -11.25
CA LYS A 37 8.41 -17.99 -11.19
C LYS A 37 7.86 -18.97 -10.17
N GLY A 38 7.01 -18.51 -9.25
CA GLY A 38 6.34 -19.46 -8.33
C GLY A 38 7.01 -19.65 -6.99
N GLU A 39 8.20 -19.13 -6.79
N GLU A 39 8.22 -19.13 -6.80
CA GLU A 39 8.90 -19.27 -5.52
CA GLU A 39 9.00 -19.24 -5.56
C GLU A 39 8.53 -18.11 -4.58
C GLU A 39 8.61 -18.10 -4.61
N GLU A 40 8.72 -18.31 -3.30
CA GLU A 40 8.54 -17.26 -2.30
C GLU A 40 9.53 -16.12 -2.53
N LEU A 41 9.22 -14.95 -2.04
CA LEU A 41 10.11 -13.77 -2.15
C LEU A 41 10.83 -13.60 -0.82
N SER A 42 12.08 -13.18 -0.93
CA SER A 42 12.83 -12.81 0.30
C SER A 42 12.36 -11.44 0.76
N GLU A 44 14.14 -8.61 0.91
CA GLU A 44 14.61 -7.60 -0.07
C GLU A 44 13.72 -7.64 -1.32
N GLU A 45 13.36 -8.83 -1.78
CA GLU A 45 12.56 -8.96 -3.02
C GLU A 45 11.15 -8.42 -2.76
N ARG A 46 10.57 -8.67 -1.59
CA ARG A 46 9.24 -8.07 -1.28
C ARG A 46 9.34 -6.56 -1.34
N ASN A 47 10.41 -5.95 -0.84
N ASN A 47 10.41 -5.99 -0.80
CA ASN A 47 10.54 -4.47 -0.90
CA ASN A 47 10.61 -4.54 -0.85
C ASN A 47 10.75 -4.02 -2.36
C ASN A 47 10.66 -4.11 -2.32
N LEU A 48 11.39 -4.80 -3.21
CA LEU A 48 11.49 -4.37 -4.62
C LEU A 48 10.11 -4.40 -5.25
N LEU A 49 9.30 -5.42 -4.98
CA LEU A 49 7.94 -5.50 -5.54
C LEU A 49 7.13 -4.31 -5.08
N SER A 50 7.20 -3.95 -3.81
CA SER A 50 6.44 -2.84 -3.26
C SER A 50 6.93 -1.52 -3.82
N VAL A 51 8.21 -1.27 -3.89
CA VAL A 51 8.74 0.00 -4.43
C VAL A 51 8.23 0.15 -5.87
N ALA A 52 8.31 -0.88 -6.68
CA ALA A 52 7.99 -0.79 -8.11
C ALA A 52 6.54 -0.38 -8.25
N TYR A 53 5.62 -1.16 -7.67
CA TYR A 53 4.19 -0.88 -7.88
C TYR A 53 3.78 0.39 -7.14
N LYS A 54 4.38 0.75 -6.04
CA LYS A 54 3.96 1.97 -5.35
C LYS A 54 4.28 3.15 -6.23
N ASN A 55 5.39 3.16 -6.90
CA ASN A 55 5.76 4.28 -7.77
C ASN A 55 4.89 4.30 -9.01
N VAL A 56 4.57 3.17 -9.58
CA VAL A 56 3.68 3.16 -10.78
C VAL A 56 2.32 3.65 -10.35
N VAL A 57 1.69 3.08 -9.31
CA VAL A 57 0.31 3.49 -8.95
C VAL A 57 0.36 4.89 -8.40
N GLY A 58 1.43 5.33 -7.80
CA GLY A 58 1.49 6.71 -7.26
C GLY A 58 1.40 7.73 -8.37
N GLY A 59 2.03 7.51 -9.51
CA GLY A 59 1.88 8.43 -10.64
C GLY A 59 0.45 8.39 -11.11
N GLN A 60 -0.19 7.24 -11.18
CA GLN A 60 -1.56 7.10 -11.69
C GLN A 60 -2.50 7.87 -10.74
N ARG A 61 -2.35 7.66 -9.44
CA ARG A 61 -3.22 8.33 -8.45
C ARG A 61 -3.07 9.84 -8.54
N ALA A 62 -1.86 10.33 -8.66
CA ALA A 62 -1.62 11.79 -8.75
C ALA A 62 -2.34 12.27 -10.01
N ALA A 63 -2.20 11.61 -11.13
CA ALA A 63 -2.83 12.06 -12.39
C ALA A 63 -4.33 12.03 -12.26
N TRP A 64 -4.90 10.98 -11.67
CA TRP A 64 -6.34 10.83 -11.46
C TRP A 64 -6.85 11.99 -10.63
N ARG A 65 -6.14 12.35 -9.57
CA ARG A 65 -6.64 13.47 -8.72
C ARG A 65 -6.64 14.76 -9.50
N VAL A 66 -5.67 15.02 -10.36
CA VAL A 66 -5.63 16.28 -11.13
C VAL A 66 -6.84 16.26 -12.05
N LEU A 67 -7.11 15.16 -12.72
CA LEU A 67 -8.19 15.06 -13.73
C LEU A 67 -9.55 15.11 -13.06
N SER A 68 -9.70 14.41 -11.94
N SER A 68 -9.71 14.46 -11.91
CA SER A 68 -10.96 14.44 -11.15
CA SER A 68 -10.99 14.50 -11.17
C SER A 68 -11.27 15.89 -10.72
C SER A 68 -11.29 15.92 -10.73
N SER A 69 -10.28 16.66 -10.32
CA SER A 69 -10.46 18.07 -9.85
C SER A 69 -10.94 18.89 -11.04
N ILE A 70 -10.35 18.73 -12.22
CA ILE A 70 -10.77 19.49 -13.44
C ILE A 70 -12.19 19.09 -13.80
N GLU A 71 -12.53 17.81 -13.71
CA GLU A 71 -13.85 17.28 -14.06
C GLU A 71 -14.89 17.91 -13.11
N GLN A 72 -14.58 17.94 -11.82
CA GLN A 72 -15.50 18.49 -10.79
C GLN A 72 -15.74 19.98 -11.12
N LYS A 73 -14.70 20.71 -11.47
CA LYS A 73 -14.77 22.17 -11.83
C LYS A 73 -15.73 22.33 -13.01
N SER A 74 -15.56 21.50 -14.05
N SER A 74 -15.54 21.51 -14.06
CA SER A 74 -16.32 21.53 -15.32
CA SER A 74 -16.32 21.52 -15.32
C SER A 74 -17.80 21.16 -15.12
C SER A 74 -17.83 21.36 -15.03
N ASN A 75 -18.19 20.72 -13.92
CA ASN A 75 -19.59 20.30 -13.61
C ASN A 75 -20.21 21.24 -12.56
N GLU A 76 -19.51 22.31 -12.13
CA GLU A 76 -19.99 23.26 -11.09
C GLU A 76 -21.33 23.88 -11.52
N LYS A 82 -19.14 21.63 -22.26
CA LYS A 82 -17.66 21.62 -22.45
C LYS A 82 -17.23 20.48 -23.39
N GLY A 83 -17.93 19.33 -23.34
CA GLY A 83 -17.66 18.11 -24.15
C GLY A 83 -17.27 16.92 -23.29
N PRO A 84 -17.16 15.71 -23.87
CA PRO A 84 -16.92 14.50 -23.10
C PRO A 84 -15.43 14.26 -22.76
N GLU A 85 -14.54 15.11 -23.21
CA GLU A 85 -13.11 14.75 -23.23
C GLU A 85 -12.54 14.65 -21.82
N VAL A 86 -12.91 15.51 -20.90
CA VAL A 86 -12.33 15.43 -19.53
C VAL A 86 -12.76 14.13 -18.89
N ARG A 87 -14.01 13.78 -18.94
CA ARG A 87 -14.53 12.52 -18.39
C ARG A 87 -13.82 11.37 -19.07
N GLU A 88 -13.72 11.37 -20.41
CA GLU A 88 -13.13 10.23 -21.13
C GLU A 88 -11.69 10.06 -20.63
N TYR A 89 -10.93 11.14 -20.54
CA TYR A 89 -9.50 10.99 -20.19
C TYR A 89 -9.37 10.59 -18.72
N ARG A 90 -10.18 11.16 -17.82
CA ARG A 90 -10.19 10.67 -16.43
C ARG A 90 -10.51 9.20 -16.40
N GLU A 91 -11.47 8.73 -17.16
CA GLU A 91 -11.82 7.32 -17.23
C GLU A 91 -10.64 6.50 -17.75
N LYS A 92 -9.91 7.01 -18.73
CA LYS A 92 -8.75 6.26 -19.27
C LYS A 92 -7.73 6.05 -18.17
N VAL A 93 -7.37 7.10 -17.47
CA VAL A 93 -6.38 7.00 -16.38
C VAL A 93 -6.95 6.10 -15.29
N GLU A 94 -8.20 6.24 -14.92
CA GLU A 94 -8.85 5.40 -13.90
C GLU A 94 -8.73 3.94 -14.27
N THR A 95 -9.03 3.57 -15.51
CA THR A 95 -9.05 2.18 -15.93
C THR A 95 -7.60 1.64 -15.86
N GLU A 96 -6.63 2.43 -16.26
CA GLU A 96 -5.22 1.98 -16.19
C GLU A 96 -4.85 1.76 -14.72
N LEU A 97 -5.22 2.68 -13.84
CA LEU A 97 -4.94 2.51 -12.38
C LEU A 97 -5.62 1.26 -11.88
N GLN A 98 -6.87 1.00 -12.17
CA GLN A 98 -7.58 -0.21 -11.77
C GLN A 98 -6.80 -1.41 -12.24
N GLY A 99 -6.32 -1.39 -13.47
CA GLY A 99 -5.59 -2.52 -14.03
C GLY A 99 -4.32 -2.81 -13.23
N VAL A 100 -3.58 -1.80 -12.83
CA VAL A 100 -2.36 -2.01 -12.00
C VAL A 100 -2.78 -2.59 -10.64
N CYS A 101 -3.81 -2.07 -10.01
CA CYS A 101 -4.24 -2.62 -8.72
C CYS A 101 -4.68 -4.06 -8.89
N ASP A 102 -5.45 -4.39 -9.93
CA ASP A 102 -5.91 -5.78 -10.14
C ASP A 102 -4.71 -6.69 -10.40
N THR A 103 -3.68 -6.19 -11.08
CA THR A 103 -2.45 -6.99 -11.33
C THR A 103 -1.79 -7.29 -9.98
N VAL A 104 -1.65 -6.30 -9.10
CA VAL A 104 -0.98 -6.55 -7.81
C VAL A 104 -1.83 -7.50 -7.00
N LEU A 105 -3.14 -7.28 -6.92
CA LEU A 105 -4.02 -8.16 -6.18
C LEU A 105 -3.93 -9.58 -6.71
N GLY A 106 -3.82 -9.67 -8.04
CA GLY A 106 -3.72 -11.02 -8.62
C GLY A 106 -2.43 -11.72 -8.19
N LEU A 107 -1.30 -11.02 -8.13
CA LEU A 107 -0.04 -11.62 -7.68
C LEU A 107 -0.17 -12.04 -6.22
N LEU A 108 -0.78 -11.22 -5.37
CA LEU A 108 -0.96 -11.57 -3.96
C LEU A 108 -1.84 -12.82 -3.85
N ASP A 109 -2.81 -12.97 -4.74
CA ASP A 109 -3.73 -14.13 -4.71
C ASP A 109 -3.17 -15.34 -5.48
N SER A 110 -2.03 -15.19 -6.14
N SER A 110 -2.03 -15.18 -6.14
CA SER A 110 -1.47 -16.29 -6.97
CA SER A 110 -1.48 -16.29 -6.97
C SER A 110 0.06 -16.24 -6.97
C SER A 110 0.06 -16.25 -6.98
N HIS A 111 0.70 -16.77 -5.93
CA HIS A 111 0.02 -17.33 -4.72
C HIS A 111 0.81 -16.84 -3.52
N LEU A 112 1.12 -15.55 -3.48
CA LEU A 112 2.02 -15.04 -2.44
C LEU A 112 1.41 -15.16 -1.05
N ILE A 113 0.18 -14.73 -0.85
CA ILE A 113 -0.43 -14.82 0.48
C ILE A 113 -0.59 -16.31 0.88
N LYS A 114 -1.04 -17.18 0.00
CA LYS A 114 -1.28 -18.59 0.34
C LYS A 114 0.00 -19.21 0.87
N GLU A 115 1.16 -18.89 0.33
CA GLU A 115 2.40 -19.59 0.72
C GLU A 115 3.12 -18.86 1.86
N ALA A 116 2.63 -17.68 2.28
CA ALA A 116 3.32 -16.85 3.29
C ALA A 116 2.90 -17.31 4.69
N GLY A 117 3.80 -17.95 5.38
CA GLY A 117 3.55 -18.45 6.74
C GLY A 117 4.22 -17.63 7.82
N ASP A 118 5.36 -17.04 7.55
CA ASP A 118 6.00 -16.24 8.62
C ASP A 118 5.32 -14.92 8.78
N ALA A 119 5.27 -14.36 9.97
CA ALA A 119 4.52 -13.12 10.19
C ALA A 119 5.07 -12.02 9.34
N GLU A 120 6.37 -11.89 9.14
CA GLU A 120 6.91 -10.72 8.41
C GLU A 120 6.43 -10.76 6.95
N SER A 121 6.28 -11.95 6.38
N SER A 121 6.28 -11.95 6.38
CA SER A 121 5.87 -12.05 4.96
CA SER A 121 5.87 -12.06 4.95
C SER A 121 4.34 -11.95 4.87
C SER A 121 4.35 -11.96 4.85
N ARG A 122 3.64 -12.62 5.77
CA ARG A 122 2.14 -12.62 5.72
C ARG A 122 1.59 -11.21 6.01
N VAL A 123 2.12 -10.53 7.02
CA VAL A 123 1.65 -9.15 7.33
C VAL A 123 1.96 -8.22 6.16
N PHE A 124 3.18 -8.33 5.62
CA PHE A 124 3.54 -7.49 4.46
C PHE A 124 2.55 -7.64 3.31
N TYR A 125 2.20 -8.87 2.98
CA TYR A 125 1.32 -9.11 1.81
C TYR A 125 -0.11 -8.75 2.13
N LEU A 126 -0.61 -8.98 3.33
CA LEU A 126 -1.98 -8.59 3.68
C LEU A 126 -2.09 -7.08 3.73
N LYS A 127 -1.07 -6.41 4.22
CA LYS A 127 -1.02 -4.93 4.19
C LYS A 127 -1.13 -4.46 2.74
N MET A 128 -0.35 -5.06 1.86
N MET A 128 -0.32 -5.05 1.87
CA MET A 128 -0.36 -4.65 0.44
CA MET A 128 -0.34 -4.70 0.43
C MET A 128 -1.73 -4.92 -0.17
C MET A 128 -1.73 -4.90 -0.14
N LYS A 129 -2.38 -6.01 0.20
CA LYS A 129 -3.75 -6.29 -0.25
C LYS A 129 -4.66 -5.16 0.20
N GLY A 130 -4.60 -4.77 1.47
CA GLY A 130 -5.39 -3.63 1.97
C GLY A 130 -5.06 -2.37 1.20
N ASP A 131 -3.79 -2.10 0.92
CA ASP A 131 -3.41 -0.83 0.25
C ASP A 131 -4.00 -0.76 -1.16
N TYR A 132 -3.92 -1.86 -1.91
CA TYR A 132 -4.39 -1.80 -3.33
C TYR A 132 -5.92 -1.80 -3.40
N TYR A 133 -6.59 -2.44 -2.43
CA TYR A 133 -8.07 -2.29 -2.39
C TYR A 133 -8.38 -0.84 -2.00
N ARG A 134 -7.55 -0.25 -1.14
CA ARG A 134 -7.71 1.15 -0.78
C ARG A 134 -7.61 2.03 -2.04
N TYR A 135 -6.60 1.80 -2.85
CA TYR A 135 -6.45 2.61 -4.07
C TYR A 135 -7.64 2.35 -4.99
N LEU A 136 -8.16 1.15 -5.10
CA LEU A 136 -9.44 0.91 -5.85
C LEU A 136 -10.56 1.72 -5.22
N ALA A 137 -10.63 1.78 -3.90
CA ALA A 137 -11.75 2.47 -3.21
C ALA A 137 -11.67 3.94 -3.50
N GLU A 138 -10.50 4.52 -3.66
CA GLU A 138 -10.35 5.98 -3.87
C GLU A 138 -11.10 6.37 -5.14
N VAL A 139 -11.22 5.50 -6.12
CA VAL A 139 -11.84 5.87 -7.44
C VAL A 139 -13.18 5.20 -7.59
N ALA A 140 -13.68 4.44 -6.62
CA ALA A 140 -14.91 3.65 -6.76
C ALA A 140 -16.11 4.54 -6.36
N THR A 141 -17.27 4.21 -6.88
CA THR A 141 -18.52 4.87 -6.41
C THR A 141 -19.54 3.84 -5.85
N GLY A 142 -20.41 4.29 -4.93
CA GLY A 142 -21.70 3.63 -4.61
C GLY A 142 -21.54 2.26 -3.95
N ASP A 143 -22.25 1.24 -4.46
CA ASP A 143 -22.28 -0.14 -3.87
C ASP A 143 -20.97 -0.87 -4.22
N ASP A 144 -20.50 -0.74 -5.44
CA ASP A 144 -19.13 -1.19 -5.78
C ASP A 144 -18.18 -0.76 -4.66
N LYS A 145 -18.25 0.51 -4.32
CA LYS A 145 -17.33 1.11 -3.35
C LYS A 145 -17.48 0.27 -2.08
N LYS A 146 -18.70 -0.06 -1.64
CA LYS A 146 -18.88 -0.69 -0.29
C LYS A 146 -18.13 -2.01 -0.27
N ARG A 147 -18.18 -2.81 -1.32
CA ARG A 147 -17.58 -4.16 -1.28
C ARG A 147 -16.05 -3.97 -1.33
N ILE A 148 -15.57 -3.02 -2.09
CA ILE A 148 -14.11 -2.78 -2.20
C ILE A 148 -13.62 -2.30 -0.83
N ILE A 149 -14.33 -1.40 -0.17
CA ILE A 149 -13.96 -0.90 1.15
C ILE A 149 -13.93 -2.08 2.10
N ASP A 150 -14.88 -2.98 2.08
CA ASP A 150 -14.87 -4.12 3.00
C ASP A 150 -13.66 -5.02 2.72
N SER A 151 -13.29 -5.20 1.46
CA SER A 151 -12.14 -6.05 1.11
C SER A 151 -10.86 -5.40 1.70
N ALA A 152 -10.70 -4.10 1.57
CA ALA A 152 -9.54 -3.41 2.17
C ALA A 152 -9.53 -3.64 3.67
N ARG A 153 -10.65 -3.32 4.31
N ARG A 153 -10.66 -3.46 4.32
CA ARG A 153 -10.74 -3.36 5.77
CA ARG A 153 -10.78 -3.64 5.77
C ARG A 153 -10.37 -4.75 6.26
C ARG A 153 -10.44 -5.08 6.18
N SER A 154 -10.90 -5.80 5.61
N SER A 154 -10.96 -6.06 5.46
CA SER A 154 -10.70 -7.21 5.99
CA SER A 154 -10.76 -7.47 5.83
C SER A 154 -9.20 -7.55 5.90
C SER A 154 -9.27 -7.80 5.77
N ALA A 155 -8.56 -7.22 4.79
CA ALA A 155 -7.12 -7.51 4.64
C ALA A 155 -6.30 -6.81 5.72
N TYR A 156 -6.57 -5.52 5.93
CA TYR A 156 -5.87 -4.78 6.99
C TYR A 156 -6.13 -5.42 8.36
N GLN A 157 -7.36 -5.86 8.62
CA GLN A 157 -7.68 -6.39 9.97
C GLN A 157 -6.95 -7.70 10.17
N GLU A 158 -6.89 -8.57 9.16
CA GLU A 158 -6.15 -9.86 9.32
C GLU A 158 -4.69 -9.54 9.57
N ALA A 159 -4.12 -8.60 8.85
CA ALA A 159 -2.72 -8.19 9.03
C ALA A 159 -2.52 -7.64 10.46
N MET A 160 -3.44 -6.83 10.94
CA MET A 160 -3.31 -6.23 12.29
C MET A 160 -3.34 -7.35 13.32
N ASP A 161 -4.25 -8.29 13.18
CA ASP A 161 -4.38 -9.35 14.22
C ASP A 161 -3.07 -10.15 14.25
N ILE A 162 -2.46 -10.51 13.12
CA ILE A 162 -1.17 -11.27 13.15
C ILE A 162 -0.11 -10.35 13.74
N SER A 163 -0.04 -9.10 13.34
CA SER A 163 1.05 -8.20 13.78
C SER A 163 1.01 -8.03 15.30
N LYS A 164 -0.17 -7.94 15.89
CA LYS A 164 -0.24 -7.71 17.36
C LYS A 164 0.16 -8.98 18.08
N LYS A 165 -0.05 -10.15 17.52
CA LYS A 165 0.32 -11.42 18.17
C LYS A 165 1.80 -11.73 17.99
N GLU A 166 2.38 -11.43 16.83
CA GLU A 166 3.68 -11.99 16.40
C GLU A 166 4.82 -10.99 16.37
N MET A 167 4.59 -9.69 16.43
CA MET A 167 5.64 -8.68 16.26
C MET A 167 5.66 -7.73 17.41
N PRO A 168 6.85 -7.20 17.76
CA PRO A 168 6.91 -6.16 18.78
C PRO A 168 6.31 -4.87 18.23
N PRO A 169 5.91 -3.96 19.14
CA PRO A 169 5.21 -2.76 18.73
C PRO A 169 6.07 -1.80 17.93
N THR A 170 7.38 -1.98 17.93
CA THR A 170 8.29 -1.14 17.12
C THR A 170 8.57 -1.73 15.73
N ASN A 171 8.14 -2.96 15.47
CA ASN A 171 8.49 -3.58 14.19
C ASN A 171 8.03 -2.69 13.04
N PRO A 172 8.89 -2.30 12.08
CA PRO A 172 8.57 -1.35 11.05
C PRO A 172 7.40 -1.81 10.18
N ILE A 173 7.29 -3.11 9.96
CA ILE A 173 6.14 -3.61 9.15
C ILE A 173 4.84 -3.34 9.91
N ARG A 174 4.80 -3.68 11.18
CA ARG A 174 3.64 -3.44 12.04
C ARG A 174 3.34 -1.95 12.10
N LEU A 175 4.34 -1.10 12.22
CA LEU A 175 4.12 0.36 12.26
C LEU A 175 3.52 0.84 10.94
N GLY A 176 4.09 0.42 9.81
CA GLY A 176 3.59 0.91 8.53
C GLY A 176 2.18 0.41 8.24
N LEU A 177 1.87 -0.81 8.66
CA LEU A 177 0.49 -1.31 8.57
C LEU A 177 -0.45 -0.40 9.34
N ALA A 178 -0.13 -0.14 10.62
CA ALA A 178 -1.02 0.71 11.43
C ALA A 178 -1.14 2.11 10.82
N LEU A 179 -0.06 2.69 10.34
CA LEU A 179 -0.11 3.98 9.64
C LEU A 179 -1.15 3.92 8.50
N ASN A 180 -1.02 2.91 7.66
CA ASN A 180 -1.87 2.87 6.46
C ASN A 180 -3.31 2.52 6.81
N PHE A 181 -3.52 1.66 7.82
CA PHE A 181 -4.90 1.33 8.23
C PHE A 181 -5.54 2.58 8.83
N SER A 182 -4.77 3.43 9.52
N SER A 182 -4.76 3.35 9.56
CA SER A 182 -5.32 4.70 10.08
CA SER A 182 -5.28 4.62 10.11
C SER A 182 -5.67 5.67 8.95
C SER A 182 -5.71 5.54 8.97
N VAL A 183 -4.88 5.66 7.90
CA VAL A 183 -5.26 6.47 6.71
C VAL A 183 -6.51 5.91 6.07
N PHE A 184 -6.66 4.60 5.96
CA PHE A 184 -7.93 3.97 5.51
C PHE A 184 -9.10 4.46 6.32
N HIS A 185 -8.98 4.43 7.64
CA HIS A 185 -10.11 4.82 8.49
C HIS A 185 -10.43 6.28 8.25
N TYR A 186 -9.46 7.15 8.13
CA TYR A 186 -9.71 8.59 7.99
C TYR A 186 -10.30 8.92 6.62
N GLU A 187 -9.68 8.44 5.56
CA GLU A 187 -9.92 8.96 4.20
C GLU A 187 -10.98 8.11 3.51
N ILE A 188 -11.10 6.84 3.80
CA ILE A 188 -11.96 5.89 3.04
C ILE A 188 -13.20 5.49 3.81
N ALA A 189 -13.07 5.16 5.11
CA ALA A 189 -14.15 4.60 5.92
C ALA A 189 -14.91 5.70 6.67
N ASN A 190 -14.62 6.97 6.54
N ASN A 190 -14.53 6.95 6.52
CA ASN A 190 -15.39 7.99 7.29
CA ASN A 190 -15.16 8.12 7.18
C ASN A 190 -15.36 7.60 8.77
C ASN A 190 -15.20 7.95 8.70
N SER A 191 -14.15 7.36 9.26
CA SER A 191 -13.96 7.01 10.71
C SER A 191 -12.78 7.80 11.25
N PRO A 192 -12.79 9.14 11.29
CA PRO A 192 -11.63 9.89 11.76
C PRO A 192 -11.29 9.54 13.22
N GLU A 193 -12.26 9.32 14.07
CA GLU A 193 -11.92 9.00 15.47
C GLU A 193 -11.19 7.68 15.56
N GLU A 194 -11.54 6.64 14.79
CA GLU A 194 -10.81 5.36 14.75
C GLU A 194 -9.41 5.61 14.22
N ALA A 195 -9.28 6.40 13.20
CA ALA A 195 -7.96 6.77 12.67
C ALA A 195 -7.04 7.40 13.73
N ILE A 196 -7.56 8.35 14.45
CA ILE A 196 -6.76 9.08 15.47
C ILE A 196 -6.45 8.11 16.61
N SER A 197 -7.40 7.31 17.05
CA SER A 197 -7.16 6.35 18.14
CA SER A 197 -7.16 6.34 18.14
C SER A 197 -6.08 5.36 17.73
N LEU A 198 -6.15 4.83 16.53
CA LEU A 198 -5.14 3.84 16.10
C LEU A 198 -3.78 4.51 15.97
N ALA A 199 -3.68 5.68 15.40
CA ALA A 199 -2.37 6.34 15.28
C ALA A 199 -1.78 6.63 16.67
N LYS A 200 -2.59 7.10 17.59
CA LYS A 200 -2.09 7.46 18.94
C LYS A 200 -1.67 6.20 19.68
N THR A 201 -2.47 5.15 19.70
N THR A 201 -2.47 5.14 19.73
CA THR A 201 -2.11 3.92 20.43
CA THR A 201 -2.08 3.91 20.47
C THR A 201 -0.85 3.31 19.82
C THR A 201 -0.82 3.33 19.82
N THR A 202 -0.75 3.31 18.50
CA THR A 202 0.44 2.75 17.80
C THR A 202 1.65 3.55 18.21
N PHE A 203 1.60 4.86 18.18
CA PHE A 203 2.75 5.73 18.51
C PHE A 203 3.15 5.46 19.96
N ASP A 204 2.21 5.46 20.88
CA ASP A 204 2.50 5.37 22.34
C ASP A 204 3.08 3.99 22.65
N GLU A 205 2.62 2.92 22.05
CA GLU A 205 3.11 1.57 22.32
C GLU A 205 4.50 1.41 21.71
N ALA A 206 4.74 2.01 20.56
CA ALA A 206 6.11 1.96 19.99
C ALA A 206 7.09 2.73 20.87
N MET A 207 6.69 3.92 21.32
CA MET A 207 7.58 4.77 22.17
C MET A 207 8.08 3.94 23.36
N ALA A 208 7.20 3.15 23.97
CA ALA A 208 7.55 2.39 25.19
C ALA A 208 8.47 1.21 24.90
N ASP A 209 8.68 0.88 23.63
CA ASP A 209 9.49 -0.31 23.28
C ASP A 209 10.82 0.11 22.60
N LEU A 210 11.01 1.42 22.39
CA LEU A 210 12.24 1.90 21.70
C LEU A 210 13.48 1.51 22.51
N HIS A 211 13.35 1.41 23.84
CA HIS A 211 14.51 1.13 24.71
C HIS A 211 15.16 -0.19 24.34
N THR A 212 14.43 -1.06 23.64
CA THR A 212 14.95 -2.41 23.32
C THR A 212 15.81 -2.40 22.06
N LEU A 213 15.84 -1.32 21.31
CA LEU A 213 16.37 -1.29 19.94
C LEU A 213 17.82 -0.87 19.87
N SER A 214 18.50 -1.39 18.87
CA SER A 214 19.81 -0.88 18.43
C SER A 214 19.66 0.46 17.76
N GLU A 215 20.77 1.16 17.53
CA GLU A 215 20.77 2.44 16.82
C GLU A 215 20.06 2.31 15.46
N ASP A 216 20.37 1.30 14.65
CA ASP A 216 19.78 1.19 13.30
C ASP A 216 18.27 0.91 13.37
N SER A 217 17.85 0.02 14.28
CA SER A 217 16.42 -0.34 14.42
C SER A 217 15.66 0.88 14.98
N TYR A 218 16.28 1.61 15.89
CA TYR A 218 15.71 2.84 16.45
C TYR A 218 15.42 3.84 15.34
N LYS A 219 16.37 4.05 14.44
CA LYS A 219 16.16 5.00 13.31
C LYS A 219 15.01 4.49 12.42
N ASP A 220 14.94 3.19 12.16
CA ASP A 220 13.88 2.66 11.27
C ASP A 220 12.51 2.89 11.92
N SER A 221 12.38 2.58 13.21
CA SER A 221 11.07 2.69 13.88
C SER A 221 10.66 4.16 14.07
N THR A 222 11.58 5.02 14.44
CA THR A 222 11.25 6.43 14.71
C THR A 222 10.89 7.15 13.42
N LEU A 223 11.44 6.73 12.28
CA LEU A 223 11.05 7.36 11.01
C LEU A 223 9.56 7.18 10.76
N ILE A 224 9.04 6.00 11.03
CA ILE A 224 7.61 5.71 10.76
C ILE A 224 6.75 6.36 11.83
N MET A 225 7.26 6.35 13.08
CA MET A 225 6.55 7.06 14.14
C MET A 225 6.36 8.53 13.83
N GLN A 226 7.34 9.15 13.15
CA GLN A 226 7.18 10.57 12.80
C GLN A 226 6.02 10.72 11.80
N LEU A 227 5.80 9.78 10.89
CA LEU A 227 4.63 9.85 9.98
C LEU A 227 3.31 9.76 10.77
N LEU A 228 3.23 8.88 11.78
CA LEU A 228 2.06 8.83 12.64
C LEU A 228 1.84 10.18 13.30
N ARG A 229 2.90 10.75 13.88
N ARG A 229 2.90 10.75 13.86
CA ARG A 229 2.82 12.06 14.56
CA ARG A 229 2.82 12.07 14.55
C ARG A 229 2.39 13.14 13.54
C ARG A 229 2.39 13.14 13.54
N ASP A 230 2.92 13.09 12.32
CA ASP A 230 2.54 14.11 11.29
C ASP A 230 1.03 14.02 11.06
N ASN A 231 0.50 12.81 10.93
CA ASN A 231 -0.97 12.68 10.69
C ASN A 231 -1.75 13.11 11.93
N LEU A 232 -1.32 12.76 13.12
CA LEU A 232 -2.06 13.22 14.31
C LEU A 232 -2.04 14.75 14.37
N THR A 233 -0.93 15.39 13.98
CA THR A 233 -0.87 16.90 13.96
C THR A 233 -1.90 17.45 12.95
N LEU A 234 -1.98 16.84 11.78
CA LEU A 234 -2.94 17.25 10.73
C LEU A 234 -4.36 17.06 11.24
N TRP A 235 -4.69 16.00 11.97
CA TRP A 235 -6.06 15.56 12.27
C TRP A 235 -6.62 16.15 13.56
N THR A 236 -5.75 16.64 14.44
CA THR A 236 -6.13 17.14 15.80
C THR A 236 -5.65 18.59 15.95
N MET B 2 -5.89 18.84 3.43
CA MET B 2 -4.57 18.30 2.95
C MET B 2 -4.50 16.78 3.23
N ARG B 3 -3.80 16.03 2.38
CA ARG B 3 -3.83 14.53 2.43
C ARG B 3 -2.84 14.05 3.47
N PRO B 4 -3.20 12.97 4.20
CA PRO B 4 -2.32 12.43 5.22
C PRO B 4 -1.21 11.61 4.58
N ARG B 5 -0.17 11.33 5.34
CA ARG B 5 0.96 10.53 4.88
C ARG B 5 0.63 9.07 5.07
N LEU B 7 2.61 5.16 4.18
CA LEU B 7 3.99 4.74 4.30
C LEU B 7 4.71 5.07 2.99
N GLU B 8 5.92 5.60 3.07
CA GLU B 8 6.71 5.94 1.83
C GLU B 8 7.55 4.72 1.40
#